data_2NS2
#
_entry.id   2NS2
#
_cell.length_a   40.793
_cell.length_b   84.876
_cell.length_c   136.567
_cell.angle_alpha   90.00
_cell.angle_beta   90.00
_cell.angle_gamma   90.00
#
_symmetry.space_group_name_H-M   'P 21 21 21'
#
loop_
_entity.id
_entity.type
_entity.pdbx_description
1 polymer Spindlin-1
2 non-polymer 'PHOSPHATE ION'
3 water water
#
_entity_poly.entity_id   1
_entity_poly.type   'polypeptide(L)'
_entity_poly.pdbx_seq_one_letter_code
;GPLGSMMKKRTSHKKHRSSVGPSKPVSQPRRNIVGCRIQHGWKEGNGPVTQWKGTVLDQVPVNPSLYLIKYDGFDCVYGL
ELNKDERVSALEVLPDRVATSRISDAHLADTMIGKAVEHMFETEDGSKDEWRGMVLARAPVMNTWFYITYEKDPVLYMYQ
LLDDYKEGDLRIMPDSNDSPPAEREPGEVVDSLVGKQVEYAKEDGSKRTGMVIHQVEAKPSVYFIKFDDDFHIYVYDLVK
TS
;
_entity_poly.pdbx_strand_id   A,B
#
loop_
_chem_comp.id
_chem_comp.type
_chem_comp.name
_chem_comp.formula
PO4 non-polymer 'PHOSPHATE ION' 'O4 P -3'
#
# COMPACT_ATOMS: atom_id res chain seq x y z
N ARG A 30 0.72 23.56 11.08
CA ARG A 30 -0.33 24.41 11.71
C ARG A 30 -1.34 24.87 10.65
N ARG A 31 -0.94 25.85 9.85
CA ARG A 31 -1.81 26.35 8.80
C ARG A 31 -1.92 25.28 7.70
N ASN A 32 -3.14 24.90 7.35
CA ASN A 32 -3.35 23.90 6.31
C ASN A 32 -3.15 24.55 4.95
N ILE A 33 -2.07 24.20 4.28
CA ILE A 33 -1.81 24.79 2.97
C ILE A 33 -2.17 23.86 1.83
N VAL A 34 -2.82 22.74 2.14
CA VAL A 34 -3.23 21.82 1.09
C VAL A 34 -4.28 22.50 0.23
N GLY A 35 -4.05 22.53 -1.08
CA GLY A 35 -4.99 23.15 -1.97
C GLY A 35 -4.66 24.61 -2.24
N CYS A 36 -3.66 25.13 -1.53
CA CYS A 36 -3.24 26.53 -1.68
C CYS A 36 -2.25 26.74 -2.80
N ARG A 37 -2.18 27.99 -3.22
CA ARG A 37 -1.21 28.44 -4.19
C ARG A 37 -0.12 28.97 -3.26
N ILE A 38 1.14 28.61 -3.51
CA ILE A 38 2.23 29.07 -2.66
C ILE A 38 3.39 29.57 -3.50
N GLN A 39 4.27 30.31 -2.86
CA GLN A 39 5.52 30.75 -3.51
C GLN A 39 6.61 30.71 -2.43
N HIS A 40 7.85 30.55 -2.86
CA HIS A 40 8.98 30.50 -1.94
C HIS A 40 10.28 30.65 -2.68
N GLY A 41 11.31 31.02 -1.95
CA GLY A 41 12.60 31.14 -2.58
C GLY A 41 13.20 29.75 -2.57
N TRP A 42 14.09 29.47 -3.50
CA TRP A 42 14.77 28.19 -3.55
C TRP A 42 16.25 28.51 -3.67
N LYS A 43 17.05 27.99 -2.75
CA LYS A 43 18.48 28.25 -2.76
C LYS A 43 19.26 26.98 -2.43
N GLU A 44 20.16 26.60 -3.34
CA GLU A 44 20.99 25.41 -3.14
C GLU A 44 22.46 25.84 -3.03
N GLY A 45 23.03 25.62 -1.85
CA GLY A 45 24.42 25.97 -1.62
C GLY A 45 24.68 27.46 -1.47
N ASN A 46 25.58 27.98 -2.30
CA ASN A 46 25.91 29.41 -2.30
C ASN A 46 25.25 30.03 -3.51
N GLY A 47 24.46 29.22 -4.20
CA GLY A 47 23.77 29.66 -5.41
C GLY A 47 22.77 30.77 -5.16
N PRO A 48 22.18 31.32 -6.24
CA PRO A 48 21.20 32.40 -6.16
C PRO A 48 19.83 31.85 -5.75
N VAL A 49 18.92 32.75 -5.38
CA VAL A 49 17.57 32.35 -5.01
C VAL A 49 16.61 32.41 -6.20
N THR A 50 15.97 31.29 -6.53
CA THR A 50 15.00 31.30 -7.60
C THR A 50 13.65 31.31 -6.92
N GLN A 51 12.66 31.93 -7.55
CA GLN A 51 11.32 32.04 -6.99
C GLN A 51 10.42 30.95 -7.56
N TRP A 52 9.93 30.07 -6.69
CA TRP A 52 9.05 28.99 -7.13
C TRP A 52 7.59 29.26 -6.76
N LYS A 53 6.69 29.00 -7.70
CA LYS A 53 5.26 29.18 -7.45
C LYS A 53 4.56 27.88 -7.84
N GLY A 54 3.64 27.42 -6.99
CA GLY A 54 2.93 26.20 -7.33
C GLY A 54 1.66 25.97 -6.54
N THR A 55 1.10 24.78 -6.69
CA THR A 55 -0.12 24.40 -5.99
C THR A 55 0.15 23.22 -5.09
N VAL A 56 -0.30 23.29 -3.84
CA VAL A 56 -0.08 22.20 -2.92
C VAL A 56 -1.21 21.19 -3.14
N LEU A 57 -0.81 20.02 -3.58
CA LEU A 57 -1.75 18.95 -3.88
C LEU A 57 -2.06 18.05 -2.70
N ASP A 58 -1.12 17.90 -1.77
CA ASP A 58 -1.36 16.93 -0.74
C ASP A 58 -0.32 17.05 0.39
N GLN A 59 -0.67 16.55 1.56
CA GLN A 59 0.20 16.52 2.72
C GLN A 59 0.19 15.02 3.03
N VAL A 60 1.33 14.35 2.89
CA VAL A 60 1.41 12.89 3.08
C VAL A 60 1.10 12.38 4.46
N PRO A 61 0.06 11.54 4.58
CA PRO A 61 -0.34 10.97 5.87
C PRO A 61 0.78 10.28 6.66
N VAL A 62 1.63 9.52 5.97
CA VAL A 62 2.71 8.84 6.67
C VAL A 62 3.96 9.68 6.96
N ASN A 63 3.94 10.93 6.51
CA ASN A 63 5.03 11.88 6.77
C ASN A 63 4.44 13.26 6.55
N PRO A 64 3.71 13.78 7.56
CA PRO A 64 3.06 15.09 7.52
C PRO A 64 3.98 16.29 7.26
N SER A 65 5.30 16.10 7.29
CA SER A 65 6.20 17.22 7.00
C SER A 65 6.36 17.27 5.49
N LEU A 66 5.95 16.21 4.80
CA LEU A 66 6.13 16.16 3.35
C LEU A 66 4.89 16.57 2.56
N TYR A 67 5.08 17.45 1.58
CA TYR A 67 4.00 17.92 0.73
C TYR A 67 4.29 17.55 -0.71
N LEU A 68 3.23 17.35 -1.50
CA LEU A 68 3.38 17.06 -2.92
C LEU A 68 2.93 18.38 -3.54
N ILE A 69 3.71 18.93 -4.45
CA ILE A 69 3.41 20.22 -5.07
C ILE A 69 3.56 20.13 -6.56
N LYS A 70 2.65 20.83 -7.24
CA LYS A 70 2.69 20.96 -8.70
C LYS A 70 3.19 22.40 -8.90
N TYR A 71 4.43 22.53 -9.35
CA TYR A 71 5.00 23.85 -9.58
C TYR A 71 4.78 24.32 -11.01
N ASP A 72 4.62 25.63 -11.16
CA ASP A 72 4.46 26.23 -12.48
C ASP A 72 5.81 25.93 -13.16
N GLY A 73 5.78 25.47 -14.41
CA GLY A 73 7.03 25.21 -15.09
C GLY A 73 7.57 23.79 -15.00
N PHE A 74 7.12 23.00 -14.02
CA PHE A 74 7.57 21.62 -13.85
C PHE A 74 6.44 20.66 -14.22
N ASP A 75 6.71 19.65 -15.04
CA ASP A 75 5.68 18.68 -15.40
C ASP A 75 5.63 17.59 -14.34
N CYS A 76 6.72 17.43 -13.60
CA CYS A 76 6.81 16.41 -12.56
C CYS A 76 6.32 16.93 -11.22
N VAL A 77 5.64 16.07 -10.47
CA VAL A 77 5.18 16.44 -9.14
C VAL A 77 6.38 16.43 -8.20
N TYR A 78 6.45 17.41 -7.30
CA TYR A 78 7.55 17.46 -6.34
C TYR A 78 7.11 17.12 -4.94
N GLY A 79 8.00 16.44 -4.21
CA GLY A 79 7.72 16.15 -2.82
C GLY A 79 8.78 16.92 -2.04
N LEU A 80 8.35 17.86 -1.20
CA LEU A 80 9.29 18.67 -0.42
C LEU A 80 8.74 18.88 0.99
N GLU A 81 9.65 18.88 1.96
CA GLU A 81 9.27 19.11 3.36
C GLU A 81 9.43 20.62 3.48
N LEU A 82 8.49 21.33 2.88
CA LEU A 82 8.53 22.78 2.81
C LEU A 82 8.91 23.56 4.06
N ASN A 83 8.37 23.18 5.21
CA ASN A 83 8.66 23.90 6.45
C ASN A 83 10.05 23.65 7.04
N LYS A 84 10.55 22.42 6.86
CA LYS A 84 11.84 22.02 7.43
C LYS A 84 13.06 22.10 6.52
N ASP A 85 12.85 22.04 5.21
CA ASP A 85 13.96 22.08 4.27
C ASP A 85 14.50 23.51 4.17
N GLU A 86 15.74 23.73 4.59
CA GLU A 86 16.33 25.07 4.56
C GLU A 86 16.51 25.65 3.16
N ARG A 87 16.43 24.82 2.13
CA ARG A 87 16.55 25.30 0.76
C ARG A 87 15.29 26.10 0.43
N VAL A 88 14.23 25.88 1.20
CA VAL A 88 12.96 26.57 1.02
C VAL A 88 12.91 27.75 1.98
N SER A 89 12.80 28.95 1.43
CA SER A 89 12.74 30.17 2.24
C SER A 89 11.56 31.08 1.90
N ALA A 90 11.16 31.91 2.87
CA ALA A 90 10.06 32.86 2.69
C ALA A 90 8.81 32.22 2.10
N LEU A 91 8.43 31.08 2.65
CA LEU A 91 7.25 30.35 2.22
C LEU A 91 6.01 31.23 2.48
N GLU A 92 5.18 31.43 1.45
CA GLU A 92 3.98 32.26 1.57
C GLU A 92 2.80 31.70 0.79
N VAL A 93 1.58 31.93 1.26
CA VAL A 93 0.42 31.47 0.51
C VAL A 93 -0.01 32.63 -0.36
N LEU A 94 -0.24 32.34 -1.64
CA LEU A 94 -0.68 33.33 -2.62
C LEU A 94 -2.20 33.34 -2.65
N PRO A 95 -2.81 34.32 -3.34
CA PRO A 95 -4.28 34.36 -3.42
C PRO A 95 -4.77 33.04 -4.01
N ASP A 96 -5.96 32.59 -3.61
CA ASP A 96 -6.48 31.33 -4.09
C ASP A 96 -6.64 31.19 -5.59
N ARG A 97 -6.50 29.95 -6.04
CA ARG A 97 -6.70 29.60 -7.43
C ARG A 97 -8.15 29.16 -7.52
N VAL A 98 -8.68 29.02 -8.73
CA VAL A 98 -10.06 28.59 -8.93
C VAL A 98 -9.99 27.24 -9.63
N ALA A 99 -10.70 26.25 -9.12
CA ALA A 99 -10.71 24.91 -9.74
C ALA A 99 -11.98 24.73 -10.56
N THR A 100 -11.99 23.72 -11.43
CA THR A 100 -13.18 23.42 -12.21
C THR A 100 -13.91 22.38 -11.42
N SER A 101 -15.18 22.65 -11.11
CA SER A 101 -16.00 21.75 -10.32
C SER A 101 -16.40 20.45 -11.01
N ARG A 102 -16.85 20.55 -12.27
CA ARG A 102 -17.32 19.40 -13.05
C ARG A 102 -16.67 19.39 -14.42
N ILE A 103 -15.67 18.54 -14.58
CA ILE A 103 -14.90 18.43 -15.82
C ILE A 103 -15.78 17.99 -16.97
N SER A 104 -15.49 18.46 -18.18
CA SER A 104 -16.26 18.02 -19.33
C SER A 104 -15.66 16.64 -19.69
N ASP A 105 -16.36 15.86 -20.50
CA ASP A 105 -15.91 14.52 -20.90
C ASP A 105 -15.49 13.72 -19.70
N ALA A 106 -16.35 13.70 -18.69
CA ALA A 106 -16.10 12.99 -17.45
C ALA A 106 -16.03 11.48 -17.68
N HIS A 107 -16.78 10.99 -18.66
CA HIS A 107 -16.78 9.56 -18.94
C HIS A 107 -15.40 9.16 -19.44
N LEU A 108 -14.87 9.94 -20.37
CA LEU A 108 -13.55 9.66 -20.90
C LEU A 108 -12.50 9.79 -19.78
N ALA A 109 -12.67 10.78 -18.89
CA ALA A 109 -11.74 11.02 -17.78
C ALA A 109 -11.73 9.82 -16.86
N ASP A 110 -12.91 9.27 -16.56
CA ASP A 110 -13.00 8.10 -15.69
C ASP A 110 -12.39 6.89 -16.39
N THR A 111 -12.74 6.72 -17.67
CA THR A 111 -12.25 5.61 -18.48
C THR A 111 -10.72 5.53 -18.56
N MET A 112 -10.07 6.69 -18.60
CA MET A 112 -8.61 6.75 -18.68
C MET A 112 -7.87 6.20 -17.48
N ILE A 113 -8.50 6.32 -16.30
CA ILE A 113 -7.84 5.90 -15.06
C ILE A 113 -7.42 4.44 -15.01
N GLY A 114 -6.12 4.21 -14.86
CA GLY A 114 -5.63 2.85 -14.79
C GLY A 114 -5.31 2.27 -16.15
N LYS A 115 -5.49 3.05 -17.21
CA LYS A 115 -5.21 2.57 -18.56
C LYS A 115 -3.77 2.77 -19.00
N ALA A 116 -3.29 1.83 -19.82
CA ALA A 116 -1.97 1.92 -20.40
C ALA A 116 -2.17 2.88 -21.57
N VAL A 117 -1.20 3.74 -21.83
CA VAL A 117 -1.33 4.71 -22.91
C VAL A 117 -0.04 4.98 -23.65
N GLU A 118 -0.16 5.64 -24.78
CA GLU A 118 0.98 6.03 -25.57
C GLU A 118 0.79 7.52 -25.70
N HIS A 119 1.72 8.25 -25.11
CA HIS A 119 1.70 9.72 -25.07
C HIS A 119 2.66 10.31 -26.10
N MET A 120 2.14 11.09 -27.03
CA MET A 120 2.97 11.72 -28.06
C MET A 120 3.43 13.10 -27.60
N PHE A 121 4.73 13.37 -27.72
CA PHE A 121 5.29 14.66 -27.35
C PHE A 121 6.10 15.23 -28.52
N GLU A 122 6.32 16.54 -28.49
CA GLU A 122 7.11 17.20 -29.54
C GLU A 122 8.57 17.23 -29.07
N THR A 123 9.51 17.01 -29.98
CA THR A 123 10.94 16.97 -29.59
C THR A 123 11.82 18.13 -30.05
N GLU A 124 13.11 17.82 -30.14
CA GLU A 124 14.19 18.74 -30.54
C GLU A 124 13.66 20.03 -31.15
N ASP A 125 13.74 20.16 -32.48
CA ASP A 125 13.20 21.32 -33.16
C ASP A 125 12.02 20.78 -33.96
N GLY A 126 11.83 19.47 -33.85
CA GLY A 126 10.74 18.82 -34.55
C GLY A 126 10.67 17.30 -34.38
N SER A 127 9.54 16.75 -34.80
CA SER A 127 9.20 15.32 -34.77
C SER A 127 8.63 14.85 -33.44
N LYS A 128 7.69 13.92 -33.52
CA LYS A 128 7.00 13.38 -32.36
C LYS A 128 7.71 12.23 -31.65
N ASP A 129 7.85 12.36 -30.33
CA ASP A 129 8.45 11.29 -29.55
C ASP A 129 7.19 10.72 -28.86
N GLU A 130 7.10 9.41 -28.78
CA GLU A 130 5.95 8.77 -28.20
C GLU A 130 6.34 7.87 -27.03
N TRP A 131 5.79 8.18 -25.86
CA TRP A 131 6.09 7.41 -24.66
C TRP A 131 4.96 6.53 -24.14
N ARG A 132 5.32 5.31 -23.78
CA ARG A 132 4.37 4.36 -23.23
C ARG A 132 4.26 4.66 -21.73
N GLY A 133 3.05 4.67 -21.21
CA GLY A 133 2.87 4.96 -19.80
C GLY A 133 1.54 4.48 -19.28
N MET A 134 1.16 5.00 -18.12
CA MET A 134 -0.08 4.60 -17.47
C MET A 134 -0.74 5.78 -16.74
N VAL A 135 -2.05 5.95 -16.93
CA VAL A 135 -2.76 7.04 -16.26
C VAL A 135 -3.14 6.49 -14.88
N LEU A 136 -2.61 7.10 -13.84
CA LEU A 136 -2.85 6.63 -12.49
C LEU A 136 -4.10 7.12 -11.79
N ALA A 137 -4.48 8.37 -12.03
CA ALA A 137 -5.61 8.93 -11.31
C ALA A 137 -5.82 10.38 -11.67
N ARG A 138 -6.96 10.93 -11.24
CA ARG A 138 -7.24 12.36 -11.44
C ARG A 138 -6.39 12.99 -10.32
N ALA A 139 -5.70 14.08 -10.62
CA ALA A 139 -4.89 14.73 -9.61
C ALA A 139 -5.79 15.39 -8.57
N PRO A 140 -5.32 15.47 -7.32
CA PRO A 140 -6.12 16.12 -6.28
C PRO A 140 -6.05 17.63 -6.57
N VAL A 141 -7.03 18.39 -6.10
CA VAL A 141 -7.07 19.85 -6.24
C VAL A 141 -7.20 20.45 -7.65
N MET A 142 -6.30 20.06 -8.56
CA MET A 142 -6.37 20.58 -9.92
C MET A 142 -7.15 19.53 -10.70
N ASN A 143 -8.46 19.71 -10.65
CA ASN A 143 -9.45 18.79 -11.21
C ASN A 143 -9.41 18.46 -12.70
N THR A 144 -8.72 19.25 -13.52
CA THR A 144 -8.63 18.91 -14.94
C THR A 144 -7.28 18.27 -15.24
N TRP A 145 -6.50 18.01 -14.19
CA TRP A 145 -5.16 17.39 -14.37
C TRP A 145 -5.15 15.92 -13.96
N PHE A 146 -4.22 15.15 -14.53
CA PHE A 146 -4.11 13.73 -14.25
C PHE A 146 -2.70 13.28 -13.85
N TYR A 147 -2.61 12.35 -12.92
CA TYR A 147 -1.33 11.77 -12.53
C TYR A 147 -1.05 10.75 -13.62
N ILE A 148 0.17 10.73 -14.13
CA ILE A 148 0.58 9.77 -15.14
C ILE A 148 2.07 9.49 -14.97
N THR A 149 2.51 8.28 -15.30
CA THR A 149 3.93 7.94 -15.20
C THR A 149 4.32 7.19 -16.49
N TYR A 150 5.62 7.02 -16.75
CA TYR A 150 6.06 6.33 -17.97
C TYR A 150 7.02 5.17 -17.74
N GLU A 151 7.03 4.23 -18.68
CA GLU A 151 7.91 3.09 -18.57
C GLU A 151 9.35 3.55 -18.63
N LYS A 152 9.64 4.53 -19.49
CA LYS A 152 10.99 5.05 -19.64
C LYS A 152 11.40 6.10 -18.59
N ASP A 153 10.44 6.55 -17.77
CA ASP A 153 10.73 7.52 -16.70
C ASP A 153 9.62 7.33 -15.68
N PRO A 154 9.82 6.38 -14.75
CA PRO A 154 8.85 6.06 -13.72
C PRO A 154 8.65 7.00 -12.53
N VAL A 155 8.54 8.30 -12.80
CA VAL A 155 8.28 9.28 -11.75
C VAL A 155 6.86 9.85 -12.02
N LEU A 156 6.34 10.60 -11.04
CA LEU A 156 5.00 11.16 -11.15
C LEU A 156 4.92 12.45 -11.95
N TYR A 157 4.18 12.40 -13.06
CA TYR A 157 3.97 13.54 -13.93
C TYR A 157 2.51 13.95 -13.81
N MET A 158 2.20 15.17 -14.26
CA MET A 158 0.85 15.71 -14.24
C MET A 158 0.62 16.48 -15.55
N TYR A 159 -0.50 16.19 -16.22
CA TYR A 159 -0.87 16.87 -17.45
C TYR A 159 -2.39 16.92 -17.56
N GLN A 160 -2.89 17.91 -18.29
CA GLN A 160 -4.31 18.03 -18.56
C GLN A 160 -4.49 17.12 -19.77
N LEU A 161 -4.57 15.83 -19.49
CA LEU A 161 -4.66 14.81 -20.52
C LEU A 161 -5.86 14.90 -21.48
N LEU A 162 -6.95 15.55 -21.10
CA LEU A 162 -8.07 15.63 -22.04
C LEU A 162 -7.62 16.47 -23.24
N ASP A 163 -6.79 17.47 -23.00
CA ASP A 163 -6.29 18.30 -24.10
C ASP A 163 -5.42 17.46 -25.03
N ASP A 164 -4.52 16.67 -24.45
CA ASP A 164 -3.64 15.83 -25.25
C ASP A 164 -4.46 14.83 -26.09
N TYR A 165 -5.50 14.28 -25.49
CA TYR A 165 -6.38 13.32 -26.15
C TYR A 165 -7.06 13.99 -27.35
N LYS A 166 -7.76 15.09 -27.10
CA LYS A 166 -8.45 15.82 -28.17
C LYS A 166 -7.52 16.23 -29.32
N GLU A 167 -6.25 16.48 -29.01
CA GLU A 167 -5.29 16.86 -30.03
C GLU A 167 -4.71 15.64 -30.75
N GLY A 168 -5.15 14.45 -30.35
CA GLY A 168 -4.67 13.25 -30.99
C GLY A 168 -3.31 12.75 -30.52
N ASP A 169 -2.83 13.25 -29.38
CA ASP A 169 -1.53 12.82 -28.87
C ASP A 169 -1.60 11.81 -27.72
N LEU A 170 -2.80 11.32 -27.42
CA LEU A 170 -2.93 10.36 -26.34
C LEU A 170 -3.78 9.18 -26.75
N ARG A 171 -3.15 8.03 -26.90
CA ARG A 171 -3.88 6.85 -27.30
C ARG A 171 -4.02 5.87 -26.14
N ILE A 172 -5.25 5.42 -25.92
CA ILE A 172 -5.53 4.48 -24.85
C ILE A 172 -5.32 3.08 -25.42
N MET A 173 -4.54 2.26 -24.72
CA MET A 173 -4.20 0.92 -25.18
C MET A 173 -4.82 -0.21 -24.38
N PRO A 174 -4.85 -1.42 -24.98
CA PRO A 174 -5.40 -2.60 -24.30
C PRO A 174 -4.46 -2.86 -23.11
N ASP A 175 -4.99 -3.30 -21.98
CA ASP A 175 -4.12 -3.53 -20.82
C ASP A 175 -4.06 -5.01 -20.45
N PRO A 186 -2.44 -14.20 -7.45
CA PRO A 186 -2.59 -13.70 -6.09
C PRO A 186 -2.19 -14.67 -5.00
N GLY A 187 -1.65 -15.81 -5.39
CA GLY A 187 -1.20 -16.77 -4.41
C GLY A 187 0.18 -16.24 -4.05
N GLU A 188 0.31 -15.70 -2.85
CA GLU A 188 1.56 -15.14 -2.35
C GLU A 188 1.67 -13.66 -2.76
N VAL A 189 0.52 -12.99 -2.76
CA VAL A 189 0.42 -11.56 -3.10
C VAL A 189 0.11 -10.84 -1.77
N VAL A 190 0.54 -9.59 -1.63
CA VAL A 190 0.41 -8.82 -0.38
C VAL A 190 -0.73 -7.80 -0.06
N ASP A 191 -0.58 -7.16 1.11
CA ASP A 191 -1.49 -6.14 1.69
C ASP A 191 -0.95 -4.76 1.25
N SER A 192 -1.41 -3.67 1.88
CA SER A 192 -0.91 -2.33 1.51
C SER A 192 0.44 -2.01 2.13
N LEU A 193 1.39 -1.66 1.27
CA LEU A 193 2.75 -1.33 1.67
C LEU A 193 3.02 0.13 2.09
N VAL A 194 1.99 0.98 2.05
CA VAL A 194 2.14 2.37 2.43
C VAL A 194 2.70 2.54 3.85
N GLY A 195 3.65 3.46 4.01
CA GLY A 195 4.24 3.68 5.31
C GLY A 195 5.48 2.85 5.54
N LYS A 196 5.79 1.96 4.61
CA LYS A 196 6.97 1.14 4.75
C LYS A 196 8.23 1.70 4.10
N GLN A 197 9.34 1.55 4.81
CA GLN A 197 10.63 1.98 4.29
C GLN A 197 10.97 1.02 3.18
N VAL A 198 11.72 1.49 2.19
CA VAL A 198 12.10 0.65 1.09
C VAL A 198 13.51 0.99 0.68
N GLU A 199 14.18 0.03 0.06
CA GLU A 199 15.52 0.29 -0.39
C GLU A 199 15.82 -0.60 -1.57
N TYR A 200 16.79 -0.20 -2.38
CA TYR A 200 17.19 -1.02 -3.50
C TYR A 200 18.59 -0.64 -3.89
N ALA A 201 19.33 -1.64 -4.32
CA ALA A 201 20.71 -1.48 -4.72
C ALA A 201 20.83 -0.83 -6.08
N LYS A 202 21.71 0.16 -6.17
CA LYS A 202 21.96 0.86 -7.41
C LYS A 202 23.12 0.17 -8.13
N GLU A 203 23.31 0.54 -9.39
CA GLU A 203 24.37 -0.02 -10.22
C GLU A 203 25.72 -0.02 -9.50
N ASP A 204 26.02 1.08 -8.79
CA ASP A 204 27.30 1.18 -8.09
C ASP A 204 27.41 0.47 -6.74
N GLY A 205 26.35 -0.22 -6.32
CA GLY A 205 26.42 -0.92 -5.06
C GLY A 205 25.75 -0.18 -3.91
N SER A 206 25.75 1.15 -3.96
CA SER A 206 25.12 1.93 -2.89
C SER A 206 23.61 1.70 -2.83
N LYS A 207 23.00 2.00 -1.69
CA LYS A 207 21.58 1.82 -1.50
C LYS A 207 20.73 3.09 -1.56
N ARG A 208 19.62 3.01 -2.29
CA ARG A 208 18.68 4.11 -2.40
C ARG A 208 17.66 3.78 -1.33
N THR A 209 17.46 4.68 -0.40
CA THR A 209 16.49 4.44 0.65
C THR A 209 15.33 5.41 0.51
N GLY A 210 14.16 5.02 1.00
CA GLY A 210 13.01 5.88 0.89
C GLY A 210 11.80 5.29 1.56
N MET A 211 10.65 5.88 1.28
CA MET A 211 9.40 5.42 1.87
C MET A 211 8.24 5.37 0.87
N VAL A 212 7.39 4.36 1.03
CA VAL A 212 6.22 4.17 0.17
C VAL A 212 5.20 5.11 0.79
N ILE A 213 4.71 6.07 0.02
CA ILE A 213 3.79 7.07 0.56
C ILE A 213 2.32 7.02 0.10
N HIS A 214 2.03 6.32 -0.97
CA HIS A 214 0.65 6.21 -1.45
C HIS A 214 0.44 4.98 -2.29
N GLN A 215 -0.79 4.46 -2.26
CA GLN A 215 -1.17 3.29 -3.05
C GLN A 215 -2.18 3.79 -4.09
N VAL A 216 -1.93 3.47 -5.36
CA VAL A 216 -2.82 3.88 -6.43
C VAL A 216 -4.14 3.10 -6.35
N GLU A 217 -5.23 3.80 -6.05
CA GLU A 217 -6.55 3.18 -5.95
C GLU A 217 -6.92 2.25 -7.09
N ALA A 218 -6.78 2.72 -8.33
CA ALA A 218 -7.15 1.94 -9.50
C ALA A 218 -6.18 0.82 -9.87
N LYS A 219 -5.02 0.79 -9.23
CA LYS A 219 -4.01 -0.26 -9.48
C LYS A 219 -3.22 -0.45 -8.18
N PRO A 220 -3.84 -1.12 -7.19
CA PRO A 220 -3.38 -1.46 -5.83
C PRO A 220 -1.98 -2.02 -5.68
N SER A 221 -1.40 -2.54 -6.75
CA SER A 221 -0.05 -3.08 -6.69
C SER A 221 0.99 -1.98 -7.02
N VAL A 222 0.49 -0.85 -7.52
CA VAL A 222 1.37 0.26 -7.89
C VAL A 222 1.41 1.29 -6.76
N TYR A 223 2.62 1.71 -6.41
CA TYR A 223 2.81 2.66 -5.32
C TYR A 223 3.66 3.87 -5.69
N PHE A 224 3.50 4.93 -4.90
CA PHE A 224 4.27 6.17 -5.04
C PHE A 224 5.37 6.01 -4.00
N ILE A 225 6.59 6.35 -4.35
CA ILE A 225 7.68 6.25 -3.41
C ILE A 225 8.46 7.55 -3.37
N LYS A 226 8.79 8.01 -2.17
CA LYS A 226 9.62 9.18 -2.03
C LYS A 226 10.99 8.65 -1.63
N PHE A 227 11.97 8.72 -2.52
CA PHE A 227 13.31 8.27 -2.18
C PHE A 227 14.04 9.45 -1.53
N ASP A 228 14.98 9.13 -0.64
CA ASP A 228 15.73 10.16 0.09
C ASP A 228 16.66 11.00 -0.75
N ASP A 229 16.96 10.54 -1.95
CA ASP A 229 17.89 11.26 -2.81
C ASP A 229 17.27 12.03 -3.98
N ASP A 230 15.95 12.20 -3.98
CA ASP A 230 15.32 12.91 -5.09
C ASP A 230 13.99 13.53 -4.66
N PHE A 231 13.65 14.71 -5.18
CA PHE A 231 12.36 15.25 -4.79
C PHE A 231 11.26 14.79 -5.73
N HIS A 232 11.63 14.01 -6.76
CA HIS A 232 10.61 13.47 -7.66
C HIS A 232 9.91 12.32 -6.97
N ILE A 233 8.70 12.03 -7.39
CA ILE A 233 7.95 10.92 -6.79
C ILE A 233 8.03 9.74 -7.75
N TYR A 234 8.54 8.62 -7.27
CA TYR A 234 8.67 7.44 -8.10
C TYR A 234 7.41 6.59 -8.03
N VAL A 235 7.10 5.93 -9.14
CA VAL A 235 5.92 5.09 -9.22
C VAL A 235 6.35 3.69 -9.65
N TYR A 236 6.18 2.72 -8.77
CA TYR A 236 6.57 1.35 -9.05
C TYR A 236 5.50 0.36 -8.65
N ASP A 237 5.47 -0.76 -9.36
CA ASP A 237 4.55 -1.84 -9.03
C ASP A 237 5.37 -2.63 -8.00
N LEU A 238 4.85 -2.77 -6.79
CA LEU A 238 5.60 -3.46 -5.74
C LEU A 238 5.13 -4.89 -5.47
N VAL A 239 3.93 -5.23 -5.96
CA VAL A 239 3.41 -6.57 -5.81
C VAL A 239 3.84 -7.27 -7.10
N LYS A 240 5.15 -7.45 -7.20
CA LYS A 240 5.83 -8.08 -8.32
C LYS A 240 4.97 -9.02 -9.17
N ASN B 32 12.07 -19.54 21.16
CA ASN B 32 10.86 -18.93 20.54
C ASN B 32 10.93 -17.40 20.55
N ILE B 33 10.38 -16.79 19.51
CA ILE B 33 10.35 -15.35 19.39
C ILE B 33 8.98 -14.87 19.82
N VAL B 34 8.07 -15.83 20.01
CA VAL B 34 6.70 -15.51 20.41
C VAL B 34 6.71 -14.33 21.36
N GLY B 35 5.78 -13.41 21.15
CA GLY B 35 5.70 -12.23 22.00
C GLY B 35 6.72 -11.16 21.69
N CYS B 36 7.75 -11.50 20.94
CA CYS B 36 8.78 -10.52 20.57
C CYS B 36 8.39 -9.64 19.40
N ARG B 37 9.26 -8.67 19.12
CA ARG B 37 9.08 -7.75 18.01
C ARG B 37 10.19 -8.05 17.00
N ILE B 38 9.86 -8.00 15.73
CA ILE B 38 10.86 -8.28 14.70
C ILE B 38 10.83 -7.27 13.56
N GLN B 39 11.88 -7.32 12.75
CA GLN B 39 11.99 -6.47 11.58
C GLN B 39 12.82 -7.25 10.59
N HIS B 40 12.50 -7.09 9.31
CA HIS B 40 13.23 -7.79 8.27
C HIS B 40 12.79 -7.23 6.95
N GLY B 41 13.60 -7.46 5.93
CA GLY B 41 13.25 -6.99 4.61
C GLY B 41 12.36 -8.05 3.99
N TRP B 42 11.69 -7.68 2.92
CA TRP B 42 10.82 -8.60 2.21
C TRP B 42 11.22 -8.45 0.76
N LYS B 43 11.78 -9.51 0.20
CA LYS B 43 12.27 -9.45 -1.17
C LYS B 43 11.78 -10.57 -2.06
N GLU B 44 10.95 -10.24 -3.03
CA GLU B 44 10.47 -11.23 -3.98
C GLU B 44 10.64 -10.75 -5.42
N GLY B 45 11.57 -11.39 -6.12
CA GLY B 45 11.90 -11.04 -7.49
C GLY B 45 13.13 -10.19 -7.26
N ASN B 46 13.62 -9.52 -8.31
CA ASN B 46 14.76 -8.64 -8.12
C ASN B 46 14.10 -7.32 -7.79
N GLY B 47 13.28 -7.31 -6.76
CA GLY B 47 12.61 -6.07 -6.44
C GLY B 47 12.96 -5.40 -5.14
N PRO B 48 12.81 -4.07 -5.16
CA PRO B 48 13.10 -3.24 -4.00
C PRO B 48 12.61 -3.91 -2.73
N VAL B 49 13.44 -3.86 -1.69
CA VAL B 49 13.11 -4.46 -0.42
C VAL B 49 12.33 -3.50 0.48
N THR B 50 11.08 -3.85 0.75
CA THR B 50 10.28 -3.03 1.65
C THR B 50 10.76 -3.56 3.02
N GLN B 51 10.61 -2.79 4.08
CA GLN B 51 11.05 -3.23 5.38
C GLN B 51 9.85 -3.46 6.30
N TRP B 52 9.69 -4.70 6.74
CA TRP B 52 8.57 -5.07 7.59
C TRP B 52 8.87 -5.07 9.10
N LYS B 53 7.87 -4.69 9.88
CA LYS B 53 7.97 -4.63 11.34
C LYS B 53 6.68 -5.23 11.90
N GLY B 54 6.82 -6.17 12.83
CA GLY B 54 5.65 -6.78 13.43
C GLY B 54 6.00 -7.54 14.69
N THR B 55 4.97 -7.94 15.43
CA THR B 55 5.19 -8.68 16.67
C THR B 55 4.71 -10.12 16.50
N VAL B 56 5.61 -11.06 16.78
CA VAL B 56 5.32 -12.47 16.66
C VAL B 56 4.31 -12.91 17.71
N LEU B 57 3.18 -13.42 17.24
CA LEU B 57 2.11 -13.84 18.15
C LEU B 57 2.05 -15.34 18.34
N ASP B 58 2.69 -16.11 17.46
CA ASP B 58 2.55 -17.54 17.57
C ASP B 58 3.62 -18.38 16.86
N GLN B 59 3.95 -19.51 17.48
CA GLN B 59 4.86 -20.47 16.89
C GLN B 59 4.00 -21.72 16.90
N VAL B 60 3.60 -22.16 15.73
CA VAL B 60 2.71 -23.32 15.57
C VAL B 60 3.20 -24.67 16.02
N PRO B 61 2.58 -25.20 17.09
CA PRO B 61 3.00 -26.51 17.59
C PRO B 61 3.16 -27.62 16.50
N VAL B 62 2.17 -27.78 15.63
CA VAL B 62 2.26 -28.81 14.61
C VAL B 62 3.32 -28.53 13.53
N ASN B 63 3.87 -27.33 13.56
CA ASN B 63 4.92 -26.92 12.64
C ASN B 63 5.62 -25.77 13.35
N PRO B 64 6.71 -26.09 14.07
CA PRO B 64 7.52 -25.14 14.85
C PRO B 64 8.34 -24.11 14.08
N SER B 65 8.57 -24.35 12.80
CA SER B 65 9.32 -23.40 12.01
C SER B 65 8.39 -22.36 11.37
N LEU B 66 7.11 -22.44 11.73
CA LEU B 66 6.11 -21.51 11.22
C LEU B 66 5.61 -20.60 12.33
N TYR B 67 5.65 -19.29 12.10
CA TYR B 67 5.18 -18.35 13.09
C TYR B 67 4.03 -17.52 12.52
N LEU B 68 3.15 -17.04 13.40
CA LEU B 68 2.05 -16.20 12.99
C LEU B 68 2.45 -14.79 13.41
N ILE B 69 2.41 -13.85 12.47
CA ILE B 69 2.83 -12.48 12.74
C ILE B 69 1.82 -11.40 12.40
N LYS B 70 1.82 -10.34 13.21
CA LYS B 70 0.98 -9.18 12.99
C LYS B 70 1.97 -8.09 12.61
N TYR B 71 1.97 -7.68 11.37
CA TYR B 71 2.90 -6.63 10.96
C TYR B 71 2.23 -5.26 10.99
N ASP B 72 3.06 -4.23 11.23
CA ASP B 72 2.59 -2.86 11.25
C ASP B 72 2.04 -2.49 9.89
N GLY B 73 0.77 -2.08 9.85
CA GLY B 73 0.19 -1.67 8.58
C GLY B 73 -0.58 -2.72 7.81
N PHE B 74 -0.53 -3.96 8.28
CA PHE B 74 -1.23 -5.07 7.64
C PHE B 74 -2.43 -5.48 8.50
N ASP B 75 -3.57 -5.77 7.86
CA ASP B 75 -4.73 -6.19 8.64
C ASP B 75 -4.81 -7.71 8.75
N CYS B 76 -4.22 -8.42 7.80
CA CYS B 76 -4.22 -9.88 7.83
C CYS B 76 -3.05 -10.43 8.64
N VAL B 77 -3.27 -11.53 9.34
CA VAL B 77 -2.20 -12.16 10.12
C VAL B 77 -1.36 -12.95 9.11
N TYR B 78 -0.05 -12.91 9.25
CA TYR B 78 0.83 -13.64 8.34
C TYR B 78 1.44 -14.90 8.94
N GLY B 79 1.50 -15.96 8.12
CA GLY B 79 2.10 -17.20 8.55
C GLY B 79 3.38 -17.37 7.75
N LEU B 80 4.52 -17.24 8.42
CA LEU B 80 5.79 -17.36 7.72
C LEU B 80 6.81 -18.23 8.42
N GLU B 81 7.56 -19.00 7.65
CA GLU B 81 8.62 -19.82 8.22
C GLU B 81 9.81 -18.86 8.18
N LEU B 82 9.79 -17.92 9.13
CA LEU B 82 10.80 -16.86 9.24
C LEU B 82 12.25 -17.20 8.94
N ASN B 83 12.72 -18.33 9.44
CA ASN B 83 14.12 -18.71 9.24
C ASN B 83 14.37 -19.50 7.96
N LYS B 84 13.31 -19.86 7.24
CA LYS B 84 13.47 -20.63 6.01
C LYS B 84 12.99 -19.92 4.74
N ASP B 85 12.12 -18.93 4.89
CA ASP B 85 11.61 -18.20 3.74
C ASP B 85 12.72 -17.31 3.16
N GLU B 86 13.04 -17.50 1.89
CA GLU B 86 14.10 -16.70 1.28
C GLU B 86 13.63 -15.30 0.91
N ARG B 87 12.37 -15.00 1.20
CA ARG B 87 11.82 -13.68 0.92
C ARG B 87 12.08 -12.79 2.13
N VAL B 88 12.37 -13.43 3.26
CA VAL B 88 12.65 -12.76 4.51
C VAL B 88 14.15 -12.44 4.59
N SER B 89 14.49 -11.15 4.64
CA SER B 89 15.88 -10.73 4.69
C SER B 89 16.29 -10.15 6.03
N ALA B 90 17.54 -10.41 6.42
CA ALA B 90 18.11 -9.91 7.67
C ALA B 90 17.11 -9.70 8.79
N LEU B 91 16.61 -10.81 9.34
CA LEU B 91 15.66 -10.75 10.44
C LEU B 91 16.36 -10.30 11.72
N GLU B 92 15.63 -9.58 12.57
CA GLU B 92 16.18 -9.10 13.85
C GLU B 92 15.07 -9.05 14.89
N VAL B 93 15.45 -9.08 16.16
CA VAL B 93 14.47 -9.00 17.25
C VAL B 93 14.40 -7.54 17.72
N LEU B 94 13.33 -7.17 18.43
CA LEU B 94 13.17 -5.77 18.87
C LEU B 94 12.69 -5.54 20.31
N PRO B 95 12.43 -4.26 20.67
CA PRO B 95 11.96 -3.82 22.00
C PRO B 95 10.44 -3.82 22.21
N ASP B 96 10.00 -4.48 23.29
CA ASP B 96 8.59 -4.56 23.63
C ASP B 96 7.99 -3.19 23.87
N ALA B 109 -16.00 -8.76 24.92
CA ALA B 109 -14.82 -9.49 24.47
C ALA B 109 -15.04 -10.99 24.62
N ASP B 110 -15.51 -11.41 25.79
CA ASP B 110 -15.78 -12.82 26.02
C ASP B 110 -17.19 -13.04 25.51
N THR B 111 -17.83 -11.94 25.14
CA THR B 111 -19.20 -11.93 24.64
C THR B 111 -19.27 -12.25 23.15
N MET B 112 -18.61 -11.42 22.34
CA MET B 112 -18.60 -11.59 20.89
C MET B 112 -17.89 -12.87 20.42
N ILE B 113 -16.80 -13.23 21.09
CA ILE B 113 -16.04 -14.43 20.72
C ILE B 113 -16.94 -15.61 20.37
N GLY B 114 -17.05 -15.90 19.08
CA GLY B 114 -17.86 -17.02 18.61
C GLY B 114 -19.14 -16.63 17.89
N LYS B 115 -19.47 -15.35 17.89
CA LYS B 115 -20.70 -14.86 17.26
C LYS B 115 -20.52 -14.31 15.86
N ALA B 116 -21.57 -14.47 15.05
CA ALA B 116 -21.57 -13.92 13.69
C ALA B 116 -21.53 -12.42 13.95
N VAL B 117 -21.10 -11.64 12.97
CA VAL B 117 -21.02 -10.20 13.18
C VAL B 117 -21.13 -9.43 11.88
N GLU B 118 -21.58 -8.19 11.98
CA GLU B 118 -21.72 -7.30 10.83
C GLU B 118 -21.02 -6.02 11.28
N HIS B 119 -19.94 -5.62 10.62
CA HIS B 119 -19.29 -4.40 11.05
C HIS B 119 -18.67 -3.54 9.96
N MET B 120 -18.91 -2.23 10.10
CA MET B 120 -18.41 -1.22 9.17
C MET B 120 -16.95 -0.88 9.41
N GLU B 130 -20.72 -2.58 4.24
CA GLU B 130 -20.22 -3.12 5.52
C GLU B 130 -20.09 -4.63 5.42
N TRP B 131 -19.15 -5.19 6.18
CA TRP B 131 -18.88 -6.62 6.14
C TRP B 131 -19.45 -7.55 7.21
N ARG B 132 -19.81 -8.75 6.77
CA ARG B 132 -20.32 -9.77 7.69
C ARG B 132 -19.18 -10.77 7.90
N GLY B 133 -18.97 -11.15 9.15
CA GLY B 133 -17.92 -12.09 9.48
C GLY B 133 -18.14 -12.67 10.86
N MET B 134 -17.12 -13.32 11.40
CA MET B 134 -17.23 -13.92 12.72
C MET B 134 -16.01 -13.64 13.59
N VAL B 135 -16.25 -13.32 14.86
CA VAL B 135 -15.15 -13.08 15.79
C VAL B 135 -14.71 -14.48 16.18
N LEU B 136 -13.41 -14.73 16.19
CA LEU B 136 -12.91 -16.05 16.49
C LEU B 136 -12.30 -16.19 17.88
N ALA B 137 -11.40 -15.29 18.23
CA ALA B 137 -10.75 -15.36 19.52
C ALA B 137 -10.07 -14.04 19.85
N ARG B 138 -9.37 -14.04 20.97
CA ARG B 138 -8.64 -12.85 21.41
C ARG B 138 -7.19 -13.14 21.05
N ALA B 139 -6.70 -12.45 20.02
CA ALA B 139 -5.34 -12.62 19.55
C ALA B 139 -4.34 -12.78 20.68
N PRO B 140 -3.35 -13.67 20.52
CA PRO B 140 -2.32 -13.90 21.55
C PRO B 140 -1.40 -12.70 21.56
N VAL B 141 -0.56 -12.59 22.59
CA VAL B 141 0.37 -11.47 22.70
C VAL B 141 -0.40 -10.15 22.83
N MET B 142 -0.98 -9.69 21.73
CA MET B 142 -1.75 -8.46 21.72
C MET B 142 -3.18 -8.73 22.23
N ASN B 143 -3.31 -8.77 23.55
CA ASN B 143 -4.59 -9.03 24.22
C ASN B 143 -5.78 -8.20 23.76
N THR B 144 -5.53 -6.98 23.31
CA THR B 144 -6.60 -6.10 22.87
C THR B 144 -7.16 -6.49 21.51
N TRP B 145 -6.32 -7.04 20.66
CA TRP B 145 -6.74 -7.42 19.32
C TRP B 145 -7.55 -8.71 19.23
N PHE B 146 -8.42 -8.77 18.21
CA PHE B 146 -9.29 -9.92 17.97
C PHE B 146 -9.14 -10.60 16.61
N TYR B 147 -9.01 -11.93 16.64
CA TYR B 147 -8.92 -12.69 15.41
C TYR B 147 -10.31 -12.64 14.81
N ILE B 148 -10.39 -12.37 13.52
CA ILE B 148 -11.68 -12.27 12.87
C ILE B 148 -11.54 -12.59 11.40
N THR B 149 -12.58 -13.18 10.82
CA THR B 149 -12.57 -13.53 9.41
C THR B 149 -13.89 -13.08 8.82
N TYR B 150 -13.98 -13.02 7.50
CA TYR B 150 -15.20 -12.57 6.82
C TYR B 150 -15.69 -13.56 5.79
N GLU B 151 -17.00 -13.62 5.63
CA GLU B 151 -17.65 -14.52 4.70
C GLU B 151 -17.25 -14.31 3.24
N LYS B 152 -16.88 -13.08 2.89
CA LYS B 152 -16.47 -12.82 1.52
C LYS B 152 -14.95 -12.85 1.40
N ASP B 153 -14.28 -13.15 2.52
CA ASP B 153 -12.84 -13.29 2.56
C ASP B 153 -12.50 -14.10 3.79
N PRO B 154 -12.53 -15.45 3.64
CA PRO B 154 -12.25 -16.45 4.67
C PRO B 154 -10.78 -16.56 5.06
N VAL B 155 -10.20 -15.43 5.43
CA VAL B 155 -8.81 -15.39 5.86
C VAL B 155 -8.78 -14.75 7.23
N LEU B 156 -7.67 -14.91 7.93
CA LEU B 156 -7.52 -14.38 9.28
C LEU B 156 -7.13 -12.90 9.36
N TYR B 157 -8.00 -12.11 9.98
CA TYR B 157 -7.75 -10.68 10.19
C TYR B 157 -7.60 -10.46 11.69
N MET B 158 -7.02 -9.32 12.05
CA MET B 158 -6.82 -9.00 13.46
C MET B 158 -7.13 -7.52 13.68
N TYR B 159 -8.12 -7.25 14.54
CA TYR B 159 -8.57 -5.89 14.83
C TYR B 159 -8.85 -5.61 16.30
N GLN B 160 -8.58 -4.37 16.71
CA GLN B 160 -8.89 -3.95 18.07
C GLN B 160 -10.41 -3.75 17.87
N LEU B 161 -11.17 -4.82 18.13
CA LEU B 161 -12.61 -4.78 17.94
C LEU B 161 -13.49 -4.11 18.96
N LEU B 162 -12.96 -3.84 20.14
CA LEU B 162 -13.77 -3.17 21.16
C LEU B 162 -13.84 -1.68 20.85
N ASP B 163 -12.83 -1.21 20.14
CA ASP B 163 -12.77 0.19 19.73
C ASP B 163 -13.72 0.41 18.56
N ASP B 164 -14.03 -0.66 17.84
CA ASP B 164 -14.95 -0.58 16.71
C ASP B 164 -16.33 -0.69 17.35
N TYR B 165 -16.35 -1.38 18.49
CA TYR B 165 -17.57 -1.62 19.24
C TYR B 165 -18.17 -0.33 19.78
N LYS B 166 -17.31 0.53 20.32
CA LYS B 166 -17.77 1.79 20.88
C LYS B 166 -18.18 2.82 19.83
N GLU B 167 -17.58 2.77 18.64
CA GLU B 167 -17.98 3.70 17.60
C GLU B 167 -19.22 3.04 17.03
N GLY B 168 -19.67 2.01 17.73
CA GLY B 168 -20.87 1.28 17.36
C GLY B 168 -20.79 0.48 16.08
N ASP B 169 -19.60 0.35 15.49
CA ASP B 169 -19.45 -0.39 14.24
C ASP B 169 -19.57 -1.90 14.41
N LEU B 170 -20.14 -2.35 15.51
CA LEU B 170 -20.30 -3.79 15.75
C LEU B 170 -21.73 -4.24 15.99
N ARG B 171 -22.23 -5.06 15.06
CA ARG B 171 -23.59 -5.60 15.09
C ARG B 171 -23.49 -7.11 15.38
N ILE B 172 -23.47 -7.45 16.66
CA ILE B 172 -23.29 -8.83 17.13
C ILE B 172 -24.30 -9.91 16.76
N MET B 173 -25.46 -9.54 16.22
CA MET B 173 -26.49 -10.52 15.84
C MET B 173 -26.53 -11.70 16.81
N VAL B 189 -18.42 -34.88 13.86
CA VAL B 189 -18.26 -35.97 14.81
C VAL B 189 -16.78 -36.20 15.12
N VAL B 190 -15.92 -35.80 14.19
CA VAL B 190 -14.49 -36.00 14.39
C VAL B 190 -13.88 -35.04 15.40
N ASP B 191 -12.89 -35.53 16.14
CA ASP B 191 -12.20 -34.74 17.14
C ASP B 191 -11.32 -33.71 16.41
N SER B 192 -10.43 -33.05 17.13
CA SER B 192 -9.57 -32.02 16.52
C SER B 192 -8.69 -32.52 15.37
N LEU B 193 -8.83 -31.87 14.23
CA LEU B 193 -8.07 -32.22 13.03
C LEU B 193 -6.72 -31.49 12.96
N VAL B 194 -6.41 -30.69 13.98
CA VAL B 194 -5.15 -29.96 13.99
C VAL B 194 -4.00 -30.95 13.80
N GLY B 195 -3.05 -30.59 12.94
CA GLY B 195 -1.92 -31.46 12.68
C GLY B 195 -2.03 -32.26 11.40
N LYS B 196 -3.26 -32.39 10.88
CA LYS B 196 -3.48 -33.13 9.66
C LYS B 196 -3.39 -32.29 8.39
N GLN B 197 -2.81 -32.88 7.35
CA GLN B 197 -2.71 -32.24 6.05
C GLN B 197 -4.11 -32.28 5.45
N VAL B 198 -4.48 -31.22 4.76
CA VAL B 198 -5.80 -31.14 4.15
C VAL B 198 -5.62 -30.76 2.67
N GLU B 199 -6.51 -31.27 1.81
CA GLU B 199 -6.43 -30.98 0.39
C GLU B 199 -7.76 -30.51 -0.18
N TYR B 200 -7.72 -29.45 -0.98
CA TYR B 200 -8.91 -28.94 -1.62
C TYR B 200 -8.68 -29.13 -3.11
N ALA B 201 -9.71 -29.59 -3.81
CA ALA B 201 -9.61 -29.76 -5.25
C ALA B 201 -10.19 -28.49 -5.86
N LYS B 202 -9.38 -27.78 -6.62
CA LYS B 202 -9.82 -26.50 -7.20
C LYS B 202 -10.35 -26.55 -8.63
N GLU B 203 -10.49 -25.37 -9.22
CA GLU B 203 -11.00 -25.13 -10.57
C GLU B 203 -10.60 -26.05 -11.72
N ASP B 204 -9.30 -26.29 -11.86
CA ASP B 204 -8.70 -27.07 -12.94
C ASP B 204 -8.59 -28.60 -12.88
N GLY B 205 -8.72 -29.17 -11.69
CA GLY B 205 -8.58 -30.62 -11.52
C GLY B 205 -7.27 -30.82 -10.78
N SER B 206 -6.89 -29.75 -10.09
CA SER B 206 -5.65 -29.68 -9.32
C SER B 206 -5.96 -29.67 -7.83
N LYS B 207 -4.96 -30.05 -7.04
CA LYS B 207 -5.13 -30.08 -5.61
C LYS B 207 -4.37 -28.96 -4.93
N ARG B 208 -5.04 -28.31 -3.98
CA ARG B 208 -4.45 -27.25 -3.19
C ARG B 208 -4.20 -27.90 -1.83
N THR B 209 -2.94 -28.10 -1.47
CA THR B 209 -2.60 -28.74 -0.21
C THR B 209 -2.16 -27.83 0.94
N GLY B 210 -2.65 -28.14 2.14
CA GLY B 210 -2.30 -27.35 3.31
C GLY B 210 -2.21 -28.13 4.60
N MET B 211 -2.02 -27.41 5.70
CA MET B 211 -1.91 -28.00 7.03
C MET B 211 -2.88 -27.35 8.02
N VAL B 212 -3.61 -28.19 8.77
CA VAL B 212 -4.55 -27.69 9.76
C VAL B 212 -3.67 -27.36 10.96
N ILE B 213 -3.63 -26.08 11.33
CA ILE B 213 -2.77 -25.64 12.43
C ILE B 213 -3.43 -25.21 13.74
N HIS B 214 -4.74 -24.95 13.73
CA HIS B 214 -5.44 -24.53 14.94
C HIS B 214 -6.93 -24.77 14.82
N GLN B 215 -7.58 -24.98 15.96
CA GLN B 215 -9.02 -25.19 16.00
C GLN B 215 -9.61 -24.02 16.79
N VAL B 216 -10.66 -23.40 16.28
CA VAL B 216 -11.29 -22.29 16.97
C VAL B 216 -12.09 -22.85 18.13
N GLU B 217 -11.58 -22.67 19.35
CA GLU B 217 -12.26 -23.18 20.54
C GLU B 217 -13.71 -22.73 20.65
N ALA B 218 -13.95 -21.43 20.48
CA ALA B 218 -15.32 -20.91 20.57
C ALA B 218 -16.25 -21.69 19.66
N LYS B 219 -15.74 -22.04 18.48
CA LYS B 219 -16.51 -22.82 17.50
C LYS B 219 -15.56 -23.83 16.87
N PRO B 220 -15.37 -24.98 17.55
CA PRO B 220 -14.52 -26.13 17.22
C PRO B 220 -14.70 -26.74 15.82
N SER B 221 -15.74 -26.33 15.11
CA SER B 221 -15.99 -26.85 13.77
C SER B 221 -15.15 -26.06 12.76
N VAL B 222 -14.57 -24.97 13.25
CA VAL B 222 -13.77 -24.06 12.44
C VAL B 222 -12.26 -24.17 12.71
N TYR B 223 -11.49 -24.25 11.63
CA TYR B 223 -10.05 -24.36 11.75
C TYR B 223 -9.22 -23.32 10.97
N PHE B 224 -7.99 -23.15 11.41
CA PHE B 224 -7.03 -22.27 10.75
C PHE B 224 -6.20 -23.20 9.90
N ILE B 225 -6.03 -22.85 8.63
CA ILE B 225 -5.27 -23.66 7.71
C ILE B 225 -4.16 -22.86 7.05
N LYS B 226 -2.98 -23.45 7.00
CA LYS B 226 -1.84 -22.83 6.36
C LYS B 226 -1.60 -23.60 5.07
N PHE B 227 -1.93 -23.01 3.94
CA PHE B 227 -1.71 -23.67 2.65
C PHE B 227 -0.27 -23.47 2.24
N ASP B 228 0.27 -24.44 1.51
CA ASP B 228 1.66 -24.40 1.03
C ASP B 228 1.98 -23.19 0.15
N ASP B 229 1.01 -22.75 -0.64
CA ASP B 229 1.22 -21.65 -1.57
C ASP B 229 0.86 -20.23 -1.10
N ASP B 230 0.80 -19.97 0.20
CA ASP B 230 0.41 -18.63 0.65
C ASP B 230 0.74 -18.33 2.11
N PHE B 231 1.01 -17.07 2.42
CA PHE B 231 1.35 -16.68 3.79
C PHE B 231 0.13 -16.28 4.63
N HIS B 232 -1.05 -16.24 4.02
CA HIS B 232 -2.25 -15.90 4.76
C HIS B 232 -2.69 -17.13 5.54
N ILE B 233 -3.51 -16.94 6.56
CA ILE B 233 -4.02 -18.03 7.34
C ILE B 233 -5.49 -18.10 6.98
N TYR B 234 -5.92 -19.22 6.41
CA TYR B 234 -7.30 -19.38 6.02
C TYR B 234 -8.12 -19.96 7.17
N VAL B 235 -9.38 -19.56 7.23
CA VAL B 235 -10.28 -19.99 8.28
C VAL B 235 -11.47 -20.67 7.63
N TYR B 236 -11.52 -22.00 7.75
CA TYR B 236 -12.58 -22.78 7.16
C TYR B 236 -13.36 -23.65 8.14
N ASP B 237 -14.62 -23.92 7.78
CA ASP B 237 -15.49 -24.75 8.59
C ASP B 237 -15.39 -26.14 7.96
N LEU B 238 -14.74 -27.05 8.67
CA LEU B 238 -14.55 -28.42 8.18
C LEU B 238 -15.58 -29.37 8.77
N VAL B 239 -16.86 -29.02 8.64
CA VAL B 239 -17.95 -29.85 9.16
C VAL B 239 -19.25 -29.50 8.41
P PO4 C . -8.63 22.91 -12.51
O1 PO4 C . -9.51 23.53 -13.52
O2 PO4 C . -7.83 23.95 -11.85
O3 PO4 C . -7.72 21.95 -13.19
O4 PO4 C . -9.44 22.21 -11.51
P PO4 D . -15.81 15.38 -12.07
O1 PO4 D . -17.14 15.85 -12.54
O2 PO4 D . -14.76 16.32 -12.54
O3 PO4 D . -15.55 14.03 -12.62
O4 PO4 D . -15.79 15.34 -10.59
#